data_4G5A
#
_entry.id   4G5A
#
_cell.length_a   87.042
_cell.length_b   93.255
_cell.length_c   27.654
_cell.angle_alpha   90.000
_cell.angle_beta   90.000
_cell.angle_gamma   90.000
#
_symmetry.space_group_name_H-M   'P 21 21 2'
#
loop_
_entity.id
_entity.type
_entity.pdbx_description
1 polymer 'Uncharacterized protein'
2 non-polymer GLYCEROL
3 water water
#
_entity_poly.entity_id   1
_entity_poly.type   'polypeptide(L)'
_entity_poly.pdbx_seq_one_letter_code
;GKQHVKTKSDWVIQRTPVDPEWLKVYVDDESKRLCLNFKDSFAPITVEVKDIEKQIVFQSIIFPVAAGEYTLYLGDLSLG
QYELY(MSE)YNASVKVVGNFTL
;
_entity_poly.pdbx_strand_id   A,B
#
# COMPACT_ATOMS: atom_id res chain seq x y z
N GLY A 1 -15.13 -19.66 18.72
CA GLY A 1 -15.81 -18.86 17.66
C GLY A 1 -14.99 -17.62 17.33
N LYS A 2 -15.61 -16.65 16.66
CA LYS A 2 -14.88 -15.44 16.16
C LYS A 2 -14.77 -14.29 17.17
N GLN A 3 -13.56 -13.88 17.44
CA GLN A 3 -13.31 -12.87 18.45
C GLN A 3 -12.46 -11.75 17.88
N HIS A 4 -12.84 -10.50 18.15
CA HIS A 4 -12.01 -9.31 17.89
C HIS A 4 -10.71 -9.39 18.66
N VAL A 5 -9.61 -9.13 17.97
CA VAL A 5 -8.30 -9.04 18.62
C VAL A 5 -8.02 -7.55 18.76
N LYS A 6 -7.85 -7.08 19.98
CA LYS A 6 -7.58 -5.66 20.21
C LYS A 6 -6.18 -5.38 19.68
N THR A 7 -6.08 -4.44 18.77
CA THR A 7 -4.78 -4.10 18.20
C THR A 7 -4.47 -2.63 18.43
N LYS A 8 -3.18 -2.32 18.43
CA LYS A 8 -2.68 -0.96 18.53
C LYS A 8 -1.82 -0.73 17.31
N SER A 9 -2.08 0.38 16.62
CA SER A 9 -1.33 0.76 15.44
C SER A 9 -0.37 1.91 15.73
N ASP A 10 0.87 1.73 15.31
CA ASP A 10 1.92 2.74 15.41
C ASP A 10 2.25 3.19 13.98
N TRP A 11 1.77 4.36 13.61
CA TRP A 11 2.00 4.91 12.28
C TRP A 11 3.37 5.53 12.16
N VAL A 12 4.38 4.67 11.99
CA VAL A 12 5.77 5.11 11.92
C VAL A 12 6.02 6.12 10.79
N ILE A 13 5.23 6.06 9.71
CA ILE A 13 5.35 7.00 8.62
C ILE A 13 5.15 8.43 9.13
N GLN A 14 4.36 8.62 10.18
CA GLN A 14 4.15 9.97 10.73
C GLN A 14 5.35 10.57 11.46
N ARG A 15 6.37 9.77 11.71
CA ARG A 15 7.59 10.31 12.32
C ARG A 15 8.85 10.03 11.51
N THR A 16 8.68 9.56 10.30
CA THR A 16 9.78 9.16 9.45
C THR A 16 9.82 9.98 8.18
N PRO A 17 10.89 10.77 8.00
CA PRO A 17 11.00 11.52 6.76
C PRO A 17 10.93 10.63 5.52
N VAL A 18 10.22 11.06 4.48
CA VAL A 18 10.03 10.19 3.30
C VAL A 18 11.18 10.42 2.32
N ASP A 19 11.54 9.37 1.62
CA ASP A 19 12.58 9.43 0.60
C ASP A 19 12.09 10.27 -0.57
N PRO A 20 12.81 11.34 -0.92
CA PRO A 20 12.37 12.18 -2.05
C PRO A 20 12.26 11.40 -3.35
N GLU A 21 12.97 10.27 -3.42
CA GLU A 21 13.01 9.45 -4.62
C GLU A 21 12.25 8.13 -4.48
N TRP A 22 11.24 8.12 -3.60
CA TRP A 22 10.44 6.92 -3.36
C TRP A 22 9.77 6.49 -4.68
N LEU A 23 9.46 7.49 -5.50
CA LEU A 23 8.84 7.34 -6.80
C LEU A 23 9.60 8.16 -7.83
N LYS A 24 9.92 7.53 -8.93
CA LYS A 24 10.54 8.20 -10.06
C LYS A 24 9.68 7.92 -11.27
N VAL A 25 9.23 9.00 -11.91
CA VAL A 25 8.36 8.92 -13.08
C VAL A 25 9.13 9.39 -14.32
N TYR A 26 8.99 8.62 -15.38
CA TYR A 26 9.54 8.99 -16.67
C TYR A 26 8.48 8.92 -17.78
N VAL A 27 8.67 9.73 -18.81
CA VAL A 27 7.85 9.66 -20.01
C VAL A 27 8.73 9.31 -21.22
N ASP A 28 8.26 8.36 -22.01
CA ASP A 28 8.89 8.08 -23.32
C ASP A 28 7.96 8.58 -24.39
N ASP A 29 8.36 9.66 -25.08
CA ASP A 29 7.46 10.30 -26.04
C ASP A 29 7.46 9.61 -27.40
N GLU A 30 8.34 8.63 -27.61
CA GLU A 30 8.34 7.86 -28.86
C GLU A 30 7.35 6.72 -28.75
N SER A 31 7.49 5.93 -27.70
CA SER A 31 6.60 4.80 -27.44
C SER A 31 5.27 5.22 -26.76
N LYS A 32 5.15 6.49 -26.35
CA LYS A 32 3.95 7.00 -25.63
C LYS A 32 3.63 6.18 -24.39
N ARG A 33 4.61 6.12 -23.50
CA ARG A 33 4.52 5.37 -22.25
C ARG A 33 4.95 6.25 -21.07
N LEU A 34 4.33 6.00 -19.92
CA LEU A 34 4.74 6.56 -18.66
CA LEU A 34 4.75 6.55 -18.64
C LEU A 34 5.29 5.39 -17.84
N CYS A 35 6.45 5.59 -17.21
CA CYS A 35 7.15 4.56 -16.44
C CYS A 35 7.23 5.08 -15.00
N LEU A 36 6.70 4.29 -14.07
CA LEU A 36 6.67 4.67 -12.63
C LEU A 36 7.51 3.68 -11.85
N ASN A 37 8.62 4.13 -11.25
CA ASN A 37 9.52 3.21 -10.50
CA ASN A 37 9.51 3.25 -10.51
C ASN A 37 9.38 3.48 -9.01
N PHE A 38 8.93 2.46 -8.30
CA PHE A 38 8.75 2.52 -6.85
C PHE A 38 9.93 1.84 -6.20
N LYS A 39 10.58 2.52 -5.26
CA LYS A 39 11.68 1.92 -4.49
C LYS A 39 11.23 0.78 -3.56
N ASP A 40 9.98 0.83 -3.10
CA ASP A 40 9.39 -0.16 -2.18
C ASP A 40 7.97 -0.42 -2.66
N SER A 41 7.33 -1.45 -2.15
CA SER A 41 5.92 -1.66 -2.47
C SER A 41 5.10 -0.54 -1.83
N PHE A 42 3.85 -0.43 -2.25
CA PHE A 42 2.97 0.70 -1.91
C PHE A 42 1.52 0.29 -2.08
N ALA A 43 0.62 1.04 -1.46
CA ALA A 43 -0.79 0.88 -1.62
C ALA A 43 -1.18 1.19 -3.07
N PRO A 44 -2.33 0.65 -3.51
CA PRO A 44 -2.86 1.04 -4.82
C PRO A 44 -3.01 2.55 -4.93
N ILE A 45 -2.72 3.05 -6.11
CA ILE A 45 -2.74 4.47 -6.35
C ILE A 45 -3.43 4.78 -7.69
N THR A 46 -4.30 5.79 -7.67
CA THR A 46 -5.00 6.25 -8.87
C THR A 46 -4.13 7.21 -9.65
N VAL A 47 -4.06 7.00 -10.96
CA VAL A 47 -3.25 7.83 -11.84
C VAL A 47 -4.18 8.47 -12.86
N GLU A 48 -4.17 9.80 -12.95
CA GLU A 48 -4.99 10.56 -13.90
C GLU A 48 -4.09 11.48 -14.74
N VAL A 49 -4.40 11.57 -16.03
CA VAL A 49 -3.71 12.48 -16.92
C VAL A 49 -4.77 13.40 -17.52
N LYS A 50 -4.51 14.70 -17.40
CA LYS A 50 -5.41 15.74 -17.84
CA LYS A 50 -5.42 15.76 -17.84
C LYS A 50 -4.75 16.60 -18.93
N ASP A 51 -5.50 16.90 -19.99
CA ASP A 51 -5.04 17.79 -21.06
C ASP A 51 -5.23 19.27 -20.77
N ILE A 52 -4.80 20.12 -21.71
CA ILE A 52 -4.83 21.56 -21.56
C ILE A 52 -6.25 22.14 -21.42
N GLU A 53 -7.25 21.41 -21.93
CA GLU A 53 -8.66 21.77 -21.80
C GLU A 53 -9.37 21.03 -20.64
N LYS A 54 -8.57 20.52 -19.70
CA LYS A 54 -9.07 19.87 -18.48
C LYS A 54 -9.78 18.54 -18.68
N GLN A 55 -9.63 17.92 -19.85
CA GLN A 55 -10.24 16.63 -20.10
C GLN A 55 -9.32 15.57 -19.49
N ILE A 56 -9.90 14.62 -18.77
CA ILE A 56 -9.17 13.48 -18.24
C ILE A 56 -9.09 12.53 -19.42
N VAL A 57 -7.87 12.31 -19.88
CA VAL A 57 -7.61 11.57 -21.10
C VAL A 57 -7.06 10.19 -20.80
N PHE A 58 -6.71 9.94 -19.53
CA PHE A 58 -6.24 8.64 -19.07
C PHE A 58 -6.48 8.54 -17.56
N GLN A 59 -7.01 7.40 -17.14
CA GLN A 59 -7.23 7.11 -15.72
C GLN A 59 -7.02 5.63 -15.49
N SER A 60 -6.22 5.30 -14.48
CA SER A 60 -5.97 3.92 -14.16
C SER A 60 -5.62 3.80 -12.69
N ILE A 61 -5.76 2.60 -12.13
CA ILE A 61 -5.24 2.29 -10.79
C ILE A 61 -4.05 1.34 -10.95
N ILE A 62 -2.93 1.67 -10.31
CA ILE A 62 -1.73 0.85 -10.31
C ILE A 62 -1.63 0.17 -8.96
N PHE A 63 -1.17 -1.08 -8.93
CA PHE A 63 -1.07 -1.90 -7.73
C PHE A 63 0.40 -2.26 -7.48
N PRO A 64 1.17 -1.38 -6.80
CA PRO A 64 2.61 -1.59 -6.65
C PRO A 64 2.92 -2.64 -5.57
N VAL A 65 2.57 -3.90 -5.86
CA VAL A 65 2.72 -4.99 -4.89
C VAL A 65 4.20 -5.38 -4.68
N ALA A 66 5.07 -4.89 -5.56
CA ALA A 66 6.51 -5.09 -5.43
C ALA A 66 7.23 -3.85 -5.92
N ALA A 67 8.42 -3.61 -5.37
CA ALA A 67 9.31 -2.58 -5.87
C ALA A 67 9.64 -2.86 -7.34
N GLY A 68 9.87 -1.80 -8.11
CA GLY A 68 10.18 -1.92 -9.54
C GLY A 68 9.35 -1.02 -10.43
N GLU A 69 9.36 -1.30 -11.73
CA GLU A 69 8.83 -0.39 -12.74
C GLU A 69 7.45 -0.84 -13.24
N TYR A 70 6.52 0.10 -13.27
CA TYR A 70 5.16 -0.12 -13.75
C TYR A 70 4.94 0.79 -14.95
N THR A 71 4.39 0.23 -16.03
CA THR A 71 4.23 1.01 -17.24
C THR A 71 2.76 1.30 -17.48
N LEU A 72 2.49 2.53 -17.88
CA LEU A 72 1.15 2.95 -18.32
C LEU A 72 1.20 3.31 -19.81
N TYR A 73 0.17 2.92 -20.57
CA TYR A 73 0.20 3.09 -22.02
C TYR A 73 -0.62 4.28 -22.43
N LEU A 74 0.06 5.29 -23.01
CA LEU A 74 -0.59 6.53 -23.40
C LEU A 74 -0.73 6.67 -24.93
N GLY A 75 -0.72 5.53 -25.62
CA GLY A 75 -0.83 5.48 -27.07
C GLY A 75 -2.06 6.18 -27.63
N ASP A 76 -3.17 6.23 -26.88
CA ASP A 76 -4.38 6.87 -27.38
CA ASP A 76 -4.41 6.87 -27.33
C ASP A 76 -4.35 8.40 -27.29
N LEU A 77 -3.35 8.98 -26.63
CA LEU A 77 -3.32 10.44 -26.42
C LEU A 77 -2.81 11.21 -27.64
N SER A 78 -3.36 12.43 -27.79
CA SER A 78 -2.83 13.41 -28.74
C SER A 78 -1.47 13.93 -28.29
N LEU A 79 -0.76 14.65 -29.18
CA LEU A 79 0.43 15.37 -28.76
C LEU A 79 -0.03 16.56 -27.93
N GLY A 80 0.86 17.03 -27.06
CA GLY A 80 0.57 18.18 -26.26
C GLY A 80 1.08 18.11 -24.84
N GLN A 81 0.65 19.10 -24.08
CA GLN A 81 1.04 19.30 -22.69
CA GLN A 81 1.04 19.28 -22.70
C GLN A 81 0.02 18.64 -21.77
N TYR A 82 0.50 17.83 -20.82
CA TYR A 82 -0.36 17.08 -19.91
C TYR A 82 0.00 17.29 -18.44
N GLU A 83 -1.02 17.21 -17.58
CA GLU A 83 -0.82 17.18 -16.13
CA GLU A 83 -0.81 17.19 -16.13
C GLU A 83 -1.01 15.76 -15.61
N LEU A 84 -0.07 15.29 -14.78
CA LEU A 84 -0.14 14.02 -14.10
C LEU A 84 -0.57 14.24 -12.65
N TYR A 85 -1.56 13.47 -12.21
CA TYR A 85 -2.05 13.52 -10.82
C TYR A 85 -2.21 12.08 -10.36
N TYR A 87 -2.89 9.70 -6.77
CA TYR A 87 -3.39 9.85 -5.41
C TYR A 87 -3.93 8.59 -4.76
N ASN A 88 -3.76 8.55 -3.44
CA ASN A 88 -4.51 7.63 -2.59
C ASN A 88 -4.68 8.27 -1.23
N ALA A 89 -5.18 7.52 -0.25
CA ALA A 89 -5.39 8.07 1.10
C ALA A 89 -4.14 8.70 1.72
N SER A 90 -2.95 8.22 1.34
CA SER A 90 -1.70 8.62 1.98
CA SER A 90 -1.67 8.58 1.96
C SER A 90 -0.93 9.74 1.28
N VAL A 91 -1.03 9.83 -0.06
CA VAL A 91 -0.16 10.76 -0.80
C VAL A 91 -0.89 11.31 -2.02
N LYS A 92 -0.49 12.51 -2.39
CA LYS A 92 -0.91 13.12 -3.66
C LYS A 92 0.35 13.53 -4.41
N VAL A 93 0.43 13.21 -5.70
CA VAL A 93 1.62 13.46 -6.48
C VAL A 93 1.18 14.23 -7.75
N VAL A 94 1.88 15.31 -8.05
CA VAL A 94 1.61 16.09 -9.25
CA VAL A 94 1.62 16.13 -9.23
C VAL A 94 2.89 16.33 -10.07
N GLY A 95 2.73 16.33 -11.39
CA GLY A 95 3.79 16.63 -12.32
C GLY A 95 3.20 17.01 -13.66
N ASN A 96 4.08 17.37 -14.60
N ASN A 96 4.05 17.41 -14.61
CA ASN A 96 3.67 17.79 -15.93
CA ASN A 96 3.56 17.71 -15.95
C ASN A 96 4.62 17.17 -16.94
C ASN A 96 4.59 17.33 -16.98
N PHE A 97 4.09 16.88 -18.13
CA PHE A 97 4.93 16.34 -19.19
C PHE A 97 4.35 16.64 -20.55
N THR A 98 5.15 16.36 -21.56
CA THR A 98 4.75 16.57 -22.94
C THR A 98 4.86 15.27 -23.72
N LEU A 99 3.88 15.02 -24.60
CA LEU A 99 4.00 14.01 -25.66
C LEU A 99 4.18 14.67 -27.02
N GLY B 1 12.61 10.40 -26.63
CA GLY B 1 13.14 9.30 -25.77
C GLY B 1 12.56 9.34 -24.36
N LYS B 2 13.29 8.72 -23.42
CA LYS B 2 12.85 8.60 -22.02
CA LYS B 2 12.85 8.60 -22.02
C LYS B 2 13.37 9.75 -21.14
N GLN B 3 12.44 10.50 -20.52
CA GLN B 3 12.77 11.68 -19.76
C GLN B 3 12.12 11.64 -18.38
N HIS B 4 12.87 12.03 -17.35
CA HIS B 4 12.34 12.17 -15.98
C HIS B 4 11.28 13.25 -15.92
N VAL B 5 10.17 12.93 -15.25
CA VAL B 5 9.10 13.88 -15.04
C VAL B 5 9.25 14.32 -13.58
N LYS B 6 9.51 15.61 -13.34
CA LYS B 6 9.69 16.07 -11.97
CA LYS B 6 9.68 16.12 -11.98
C LYS B 6 8.34 16.04 -11.28
N THR B 7 8.30 15.36 -10.13
CA THR B 7 7.07 15.22 -9.39
C THR B 7 7.23 15.82 -7.99
N LYS B 8 6.12 16.37 -7.49
CA LYS B 8 6.06 16.86 -6.11
C LYS B 8 5.05 15.97 -5.37
N SER B 9 5.49 15.44 -4.24
CA SER B 9 4.66 14.56 -3.40
C SER B 9 4.20 15.33 -2.16
N ASP B 10 2.92 15.19 -1.85
CA ASP B 10 2.33 15.70 -0.63
C ASP B 10 1.86 14.53 0.22
N TRP B 11 2.63 14.22 1.26
CA TRP B 11 2.32 13.09 2.14
C TRP B 11 1.26 13.46 3.16
N VAL B 12 0.03 13.47 2.71
CA VAL B 12 -1.17 13.79 3.52
CA VAL B 12 -1.08 13.88 3.56
C VAL B 12 -1.19 13.00 4.82
N ILE B 13 -0.81 11.73 4.73
CA ILE B 13 -0.81 10.86 5.92
C ILE B 13 0.08 11.42 7.07
N GLN B 14 1.14 12.14 6.75
CA GLN B 14 2.03 12.66 7.80
C GLN B 14 1.40 13.72 8.70
N ARG B 15 0.28 14.31 8.27
CA ARG B 15 -0.36 15.39 9.06
C ARG B 15 -1.80 15.09 9.38
N THR B 16 -2.23 13.86 9.12
CA THR B 16 -3.65 13.49 9.23
C THR B 16 -3.79 12.30 10.17
N PRO B 17 -4.54 12.44 11.28
CA PRO B 17 -4.79 11.29 12.16
C PRO B 17 -5.46 10.14 11.41
N VAL B 18 -5.02 8.90 11.69
CA VAL B 18 -5.57 7.75 11.00
C VAL B 18 -6.66 7.11 11.87
N ASP B 19 -7.78 6.82 11.23
CA ASP B 19 -8.88 6.05 11.78
C ASP B 19 -8.36 4.85 12.56
N PRO B 20 -8.61 4.81 13.88
CA PRO B 20 -8.17 3.66 14.66
C PRO B 20 -8.82 2.32 14.20
N GLU B 21 -9.92 2.36 13.45
CA GLU B 21 -10.57 1.16 12.92
C GLU B 21 -10.23 0.90 11.44
N TRP B 22 -9.12 1.46 10.95
CA TRP B 22 -8.67 1.20 9.58
C TRP B 22 -8.50 -0.30 9.30
N LEU B 23 -8.16 -1.05 10.35
CA LEU B 23 -7.89 -2.48 10.31
C LEU B 23 -8.57 -3.09 11.52
N LYS B 24 -9.39 -4.10 11.27
CA LYS B 24 -10.00 -4.89 12.34
C LYS B 24 -9.59 -6.35 12.18
N VAL B 25 -9.00 -6.87 13.25
CA VAL B 25 -8.49 -8.23 13.30
C VAL B 25 -9.38 -9.12 14.16
N TYR B 26 -9.71 -10.29 13.63
CA TYR B 26 -10.43 -11.30 14.38
C TYR B 26 -9.71 -12.65 14.34
N VAL B 27 -9.97 -13.48 15.33
CA VAL B 27 -9.46 -14.84 15.32
CA VAL B 27 -9.45 -14.84 15.35
C VAL B 27 -10.63 -15.77 15.57
N ASP B 28 -10.69 -16.85 14.79
CA ASP B 28 -11.64 -17.92 15.00
C ASP B 28 -10.84 -19.12 15.49
N ASP B 29 -10.96 -19.44 16.77
CA ASP B 29 -10.19 -20.52 17.38
C ASP B 29 -10.69 -21.92 17.01
N GLU B 30 -11.88 -22.01 16.42
CA GLU B 30 -12.35 -23.32 15.96
C GLU B 30 -11.73 -23.68 14.63
N SER B 31 -11.76 -22.75 13.69
CA SER B 31 -11.19 -22.95 12.37
C SER B 31 -9.68 -22.62 12.30
N LYS B 32 -9.14 -22.04 13.39
CA LYS B 32 -7.74 -21.59 13.48
C LYS B 32 -7.43 -20.63 12.32
N ARG B 33 -8.29 -19.64 12.16
CA ARG B 33 -8.19 -18.62 11.13
C ARG B 33 -8.01 -17.23 11.78
N LEU B 34 -7.13 -16.45 11.19
CA LEU B 34 -7.00 -15.04 11.50
C LEU B 34 -7.65 -14.28 10.36
N CYS B 35 -8.48 -13.31 10.68
CA CYS B 35 -9.19 -12.54 9.64
C CYS B 35 -8.82 -11.06 9.77
N LEU B 36 -8.35 -10.47 8.69
CA LEU B 36 -7.90 -9.08 8.68
C LEU B 36 -8.83 -8.29 7.78
N ASN B 37 -9.56 -7.33 8.35
CA ASN B 37 -10.49 -6.52 7.54
CA ASN B 37 -10.51 -6.52 7.61
C ASN B 37 -9.99 -5.09 7.41
N PHE B 38 -9.71 -4.74 6.16
CA PHE B 38 -9.22 -3.42 5.80
C PHE B 38 -10.38 -2.57 5.27
N LYS B 39 -10.58 -1.39 5.85
CA LYS B 39 -11.59 -0.45 5.35
C LYS B 39 -11.25 0.10 3.95
N ASP B 40 -9.96 0.17 3.65
CA ASP B 40 -9.46 0.71 2.39
C ASP B 40 -8.30 -0.19 1.95
N SER B 41 -7.88 -0.10 0.70
CA SER B 41 -6.69 -0.82 0.27
C SER B 41 -5.45 -0.26 0.97
N PHE B 42 -4.36 -1.02 0.87
CA PHE B 42 -3.13 -0.77 1.67
C PHE B 42 -1.93 -1.40 1.00
N ALA B 43 -0.74 -0.94 1.38
CA ALA B 43 0.51 -1.53 0.92
C ALA B 43 0.63 -2.98 1.43
N PRO B 44 1.44 -3.80 0.74
CA PRO B 44 1.72 -5.13 1.28
C PRO B 44 2.22 -5.05 2.74
N ILE B 45 1.82 -6.03 3.54
CA ILE B 45 2.13 -6.00 4.97
C ILE B 45 2.52 -7.39 5.43
N THR B 46 3.60 -7.43 6.21
CA THR B 46 4.11 -8.70 6.74
C THR B 46 3.34 -9.00 8.02
N VAL B 47 2.87 -10.26 8.17
CA VAL B 47 2.15 -10.72 9.35
C VAL B 47 2.97 -11.81 10.05
N GLU B 48 3.29 -11.59 11.33
CA GLU B 48 4.10 -12.55 12.10
CA GLU B 48 4.13 -12.52 12.11
C GLU B 48 3.38 -12.90 13.39
N VAL B 49 3.38 -14.19 13.71
CA VAL B 49 2.82 -14.66 14.95
C VAL B 49 3.92 -15.35 15.75
N LYS B 50 4.07 -14.96 17.02
CA LYS B 50 5.07 -15.50 17.92
C LYS B 50 4.44 -16.21 19.11
N ASP B 51 5.01 -17.35 19.47
CA ASP B 51 4.57 -18.08 20.65
C ASP B 51 5.24 -17.55 21.94
N ILE B 52 4.93 -18.19 23.07
CA ILE B 52 5.43 -17.72 24.36
CA ILE B 52 5.45 -17.79 24.38
C ILE B 52 6.97 -17.81 24.47
N GLU B 53 7.61 -18.71 23.73
CA GLU B 53 9.06 -18.79 23.71
C GLU B 53 9.66 -17.84 22.66
N LYS B 54 8.83 -16.98 22.07
CA LYS B 54 9.23 -16.08 20.98
C LYS B 54 9.58 -16.77 19.65
N GLN B 55 9.24 -18.04 19.50
CA GLN B 55 9.41 -18.70 18.21
CA GLN B 55 9.36 -18.74 18.22
C GLN B 55 8.37 -18.10 17.25
N ILE B 56 8.81 -17.76 16.05
CA ILE B 56 7.91 -17.27 15.01
C ILE B 56 7.29 -18.50 14.41
N VAL B 57 5.99 -18.65 14.63
CA VAL B 57 5.23 -19.83 14.25
C VAL B 57 4.42 -19.65 12.96
N PHE B 58 4.33 -18.39 12.50
CA PHE B 58 3.63 -18.06 11.26
C PHE B 58 4.20 -16.77 10.76
N GLN B 59 4.45 -16.71 9.45
CA GLN B 59 4.95 -15.48 8.82
C GLN B 59 4.46 -15.51 7.38
N SER B 60 3.80 -14.44 6.95
CA SER B 60 3.41 -14.32 5.55
CA SER B 60 3.36 -14.33 5.56
C SER B 60 3.27 -12.86 5.17
N ILE B 61 3.22 -12.59 3.86
CA ILE B 61 2.96 -11.22 3.35
C ILE B 61 1.54 -11.20 2.77
N ILE B 62 0.74 -10.23 3.21
CA ILE B 62 -0.62 -10.02 2.73
C ILE B 62 -0.57 -8.85 1.74
N PHE B 63 -1.36 -8.92 0.67
CA PHE B 63 -1.45 -7.86 -0.36
C PHE B 63 -2.86 -7.26 -0.42
N PRO B 64 -3.12 -6.24 0.41
CA PRO B 64 -4.49 -5.71 0.49
C PRO B 64 -4.85 -4.76 -0.65
N VAL B 65 -4.97 -5.36 -1.84
CA VAL B 65 -5.21 -4.62 -3.07
C VAL B 65 -6.61 -4.03 -3.16
N ALA B 66 -7.51 -4.52 -2.32
CA ALA B 66 -8.88 -4.02 -2.22
C ALA B 66 -9.33 -4.00 -0.77
N ALA B 67 -10.23 -3.08 -0.45
CA ALA B 67 -10.89 -3.09 0.86
C ALA B 67 -11.62 -4.42 1.05
N GLY B 68 -11.68 -4.88 2.28
CA GLY B 68 -12.35 -6.15 2.60
C GLY B 68 -11.55 -7.06 3.50
N GLU B 69 -11.98 -8.32 3.59
CA GLU B 69 -11.44 -9.29 4.56
C GLU B 69 -10.46 -10.29 3.95
N TYR B 70 -9.31 -10.48 4.62
CA TYR B 70 -8.26 -11.39 4.18
C TYR B 70 -8.10 -12.44 5.27
N THR B 71 -7.99 -13.72 4.90
CA THR B 71 -7.93 -14.80 5.88
CA THR B 71 -7.89 -14.75 5.92
C THR B 71 -6.56 -15.48 5.84
N LEU B 72 -6.03 -15.76 7.03
CA LEU B 72 -4.80 -16.50 7.19
C LEU B 72 -5.11 -17.76 8.01
N TYR B 73 -4.58 -18.90 7.55
CA TYR B 73 -4.83 -20.18 8.19
C TYR B 73 -3.70 -20.55 9.13
N LEU B 74 -4.04 -20.77 10.40
CA LEU B 74 -3.04 -21.05 11.45
C LEU B 74 -3.06 -22.51 11.94
N GLY B 75 -3.31 -23.47 11.04
CA GLY B 75 -3.48 -24.87 11.47
C GLY B 75 -2.28 -25.53 12.09
N ASP B 76 -1.10 -25.03 11.75
CA ASP B 76 0.14 -25.58 12.26
C ASP B 76 0.31 -25.25 13.76
N LEU B 77 -0.48 -24.30 14.27
CA LEU B 77 -0.25 -23.78 15.62
C LEU B 77 -0.88 -24.64 16.72
N SER B 78 -0.16 -24.78 17.81
CA SER B 78 -0.69 -25.39 19.04
C SER B 78 -1.75 -24.53 19.69
N LEU B 79 -2.54 -25.13 20.56
CA LEU B 79 -3.32 -24.31 21.49
C LEU B 79 -2.37 -23.49 22.32
N GLY B 80 -2.76 -22.25 22.61
CA GLY B 80 -1.89 -21.40 23.37
C GLY B 80 -2.08 -19.93 23.16
N GLN B 81 -1.14 -19.18 23.74
CA GLN B 81 -1.16 -17.72 23.76
CA GLN B 81 -1.16 -17.72 23.76
C GLN B 81 -0.14 -17.20 22.75
N TYR B 82 -0.58 -16.26 21.90
CA TYR B 82 0.22 -15.75 20.78
C TYR B 82 0.27 -14.25 20.71
N GLU B 83 1.37 -13.72 20.18
N GLU B 83 1.40 -13.73 20.21
CA GLU B 83 1.51 -12.29 19.94
CA GLU B 83 1.58 -12.31 19.90
C GLU B 83 1.53 -12.06 18.43
C GLU B 83 1.43 -12.13 18.40
N LEU B 84 0.75 -11.07 17.99
CA LEU B 84 0.62 -10.71 16.56
C LEU B 84 1.44 -9.46 16.33
N TYR B 85 2.18 -9.44 15.24
CA TYR B 85 2.93 -8.26 14.84
C TYR B 85 2.78 -8.14 13.33
N TYR B 87 3.62 -5.48 9.99
CA TYR B 87 4.43 -4.29 9.73
C TYR B 87 4.77 -4.09 8.26
N ASN B 88 4.94 -2.81 7.90
CA ASN B 88 5.61 -2.45 6.65
C ASN B 88 6.26 -1.11 6.92
N ALA B 89 6.69 -0.42 5.86
CA ALA B 89 7.43 0.83 6.04
C ALA B 89 6.67 1.90 6.79
N SER B 90 5.35 1.81 6.73
CA SER B 90 4.43 2.84 7.22
CA SER B 90 4.45 2.85 7.22
C SER B 90 3.78 2.61 8.58
N VAL B 91 3.58 1.36 8.97
CA VAL B 91 2.84 1.03 10.21
C VAL B 91 3.38 -0.23 10.86
N LYS B 92 3.24 -0.27 12.17
CA LYS B 92 3.49 -1.43 12.96
C LYS B 92 2.20 -1.69 13.78
N VAL B 93 1.71 -2.94 13.78
CA VAL B 93 0.47 -3.26 14.51
C VAL B 93 0.77 -4.43 15.45
N VAL B 94 0.32 -4.30 16.69
CA VAL B 94 0.53 -5.35 17.70
C VAL B 94 -0.78 -5.71 18.38
N GLY B 95 -0.92 -7.00 18.68
CA GLY B 95 -2.02 -7.48 19.48
C GLY B 95 -1.67 -8.87 20.02
N ASN B 96 -2.57 -9.41 20.82
CA ASN B 96 -2.40 -10.78 21.32
CA ASN B 96 -2.40 -10.73 21.43
C ASN B 96 -3.69 -11.55 21.28
N PHE B 97 -3.57 -12.87 21.16
CA PHE B 97 -4.76 -13.71 21.02
C PHE B 97 -4.46 -15.12 21.49
N THR B 98 -5.52 -15.89 21.64
CA THR B 98 -5.47 -17.27 22.09
CA THR B 98 -5.40 -17.27 22.04
C THR B 98 -6.06 -18.21 21.03
N LEU B 99 -5.47 -19.38 20.90
CA LEU B 99 -6.08 -20.47 20.16
C LEU B 99 -6.41 -21.57 21.19
#